data_2IJR
#
_entry.id   2IJR
#
_cell.length_a   88.656
_cell.length_b   88.656
_cell.length_c   218.227
_cell.angle_alpha   90.00
_cell.angle_beta   90.00
_cell.angle_gamma   90.00
#
_symmetry.space_group_name_H-M   'I 41 2 2'
#
loop_
_entity.id
_entity.type
_entity.pdbx_description
1 polymer 'Hypothetical protein api92'
2 water water
#
_entity_poly.entity_id   1
_entity_poly.type   'polypeptide(L)'
_entity_poly.pdbx_seq_one_letter_code
;ALEWCKNRLEITGRSVFVDI(MSE)QQWVTGEEVPLYRHAIQQSIRLFLAGCAGILKPVKC(MSE)EYPPFPRLVSHGTG
SAVASNLAFQHWLDLLLKDAVLDGDTIRQIDRIYLQSGIASVKWETIPEGARQIITQL(MSE)ARQYPDWFGVASWSSHI
NGADCWTKLGV(MSE)QEHACNCD(MSE)L(MSE)IIPTRLAIELNGNSQLLTGVSTTHDLYSHLYG(MSE)AWPSGQNI
IWQRDRINSLRLDFDSPSYPPSAEL(MSE)GELSAVFDCEIRHWYQEPVNGIRGYDCYDRGDHVDSGEYGAGPFLPPLKV
EEVTVNGQEEAA
;
_entity_poly.pdbx_strand_id   A
#
# COMPACT_ATOMS: atom_id res chain seq x y z
N ALA A 1 -21.61 -13.90 -11.47
CA ALA A 1 -20.15 -14.10 -11.33
C ALA A 1 -19.53 -12.71 -11.49
N LEU A 2 -18.58 -12.35 -10.65
CA LEU A 2 -17.94 -11.02 -10.77
C LEU A 2 -17.29 -10.90 -12.16
N GLU A 3 -17.66 -9.90 -12.95
CA GLU A 3 -17.08 -9.77 -14.30
C GLU A 3 -15.79 -8.95 -14.33
N TRP A 4 -14.79 -9.42 -15.06
CA TRP A 4 -13.52 -8.69 -15.05
C TRP A 4 -13.39 -7.87 -16.29
N CYS A 5 -12.77 -6.70 -16.18
CA CYS A 5 -12.54 -5.84 -17.34
C CYS A 5 -11.23 -6.09 -18.05
N LYS A 6 -11.27 -6.31 -19.34
CA LYS A 6 -10.06 -6.39 -20.14
C LYS A 6 -9.49 -5.01 -20.43
N ASN A 7 -8.24 -4.75 -20.02
CA ASN A 7 -7.48 -3.58 -20.43
C ASN A 7 -6.37 -3.96 -21.36
N ARG A 8 -6.14 -3.13 -22.36
CA ARG A 8 -4.98 -3.20 -23.26
C ARG A 8 -4.28 -1.86 -23.35
N LEU A 9 -2.98 -1.90 -23.13
CA LEU A 9 -2.13 -0.72 -23.25
C LEU A 9 -1.04 -0.84 -24.32
N GLU A 10 -0.83 0.28 -25.00
CA GLU A 10 0.22 0.46 -25.93
C GLU A 10 0.98 1.63 -25.33
N ILE A 11 2.23 1.41 -24.96
CA ILE A 11 3.03 2.53 -24.46
C ILE A 11 4.31 2.84 -25.31
N THR A 12 4.77 4.08 -25.20
CA THR A 12 5.86 4.73 -25.99
C THR A 12 6.20 5.95 -25.09
N GLY A 13 7.43 6.40 -24.83
CA GLY A 13 8.61 6.43 -25.70
C GLY A 13 9.50 5.46 -25.02
N ARG A 14 10.45 5.88 -24.21
CA ARG A 14 11.63 6.57 -24.56
C ARG A 14 12.30 5.40 -23.80
N SER A 15 13.24 4.72 -24.44
CA SER A 15 13.80 3.42 -23.99
C SER A 15 13.93 3.23 -22.46
N VAL A 16 14.67 4.13 -21.81
CA VAL A 16 14.97 4.02 -20.39
C VAL A 16 13.72 4.14 -19.50
N PHE A 17 12.73 4.88 -19.92
CA PHE A 17 11.50 4.98 -19.14
C PHE A 17 10.61 3.75 -19.28
N VAL A 18 10.47 3.22 -20.50
CA VAL A 18 9.77 1.99 -20.69
C VAL A 18 10.47 0.80 -20.06
N ASP A 19 11.78 0.88 -19.82
CA ASP A 19 12.41 -0.09 -18.92
C ASP A 19 11.95 -0.01 -17.47
N ILE A 20 11.91 1.18 -16.87
CA ILE A 20 11.48 1.22 -15.48
C ILE A 20 10.02 0.82 -15.39
N MSE A 21 9.25 1.10 -16.44
CA MSE A 21 7.85 0.74 -16.40
C MSE A 21 7.67 -0.77 -16.53
O MSE A 21 6.82 -1.36 -15.90
CB MSE A 21 7.03 1.47 -17.43
CG MSE A 21 5.57 1.27 -17.05
SE MSE A 21 4.21 1.78 -18.32
CE MSE A 21 2.62 1.57 -17.22
N GLN A 22 8.48 -1.40 -17.38
CA GLN A 22 8.50 -2.84 -17.49
C GLN A 22 8.81 -3.49 -16.12
N GLN A 23 9.64 -2.80 -15.33
CA GLN A 23 9.94 -3.26 -14.00
C GLN A 23 8.70 -3.15 -13.11
N TRP A 24 8.01 -2.04 -13.23
CA TRP A 24 6.72 -1.93 -12.59
C TRP A 24 5.82 -3.11 -12.98
N VAL A 25 5.63 -3.34 -14.26
CA VAL A 25 4.82 -4.46 -14.75
C VAL A 25 5.29 -5.80 -14.21
N THR A 26 6.59 -5.99 -14.08
CA THR A 26 7.11 -7.30 -13.61
C THR A 26 7.29 -7.42 -12.10
N GLY A 27 7.10 -6.33 -11.37
CA GLY A 27 7.28 -6.34 -9.93
C GLY A 27 8.72 -6.45 -9.50
N GLU A 28 9.65 -5.95 -10.31
CA GLU A 28 11.09 -6.03 -9.98
C GLU A 28 11.45 -5.07 -8.86
N GLU A 29 10.80 -3.91 -8.83
CA GLU A 29 11.09 -2.85 -7.86
C GLU A 29 10.66 -3.24 -6.43
N VAL A 30 11.22 -2.55 -5.43
CA VAL A 30 10.88 -2.89 -4.06
C VAL A 30 9.81 -1.93 -3.60
N PRO A 31 8.79 -2.46 -2.87
CA PRO A 31 7.68 -1.63 -2.56
C PRO A 31 7.98 -1.01 -1.21
N LEU A 32 8.73 0.09 -1.22
CA LEU A 32 9.12 0.71 0.02
C LEU A 32 7.91 1.02 0.91
N TYR A 33 6.74 1.20 0.32
CA TYR A 33 5.60 1.59 1.14
C TYR A 33 5.24 0.44 2.07
N ARG A 34 5.41 -0.82 1.62
CA ARG A 34 5.19 -2.03 2.46
C ARG A 34 6.13 -2.07 3.66
N HIS A 35 7.25 -1.37 3.55
CA HIS A 35 8.21 -1.30 4.62
C HIS A 35 7.63 -0.33 5.62
N ALA A 36 7.12 0.79 5.15
CA ALA A 36 6.51 1.74 6.03
C ALA A 36 5.36 1.16 6.85
N ILE A 37 4.47 0.39 6.20
CA ILE A 37 3.33 -0.15 6.90
CA ILE A 37 3.31 -0.21 6.86
C ILE A 37 3.70 -1.31 7.84
N GLN A 38 4.62 -2.18 7.45
CA GLN A 38 5.04 -3.22 8.40
C GLN A 38 5.79 -2.63 9.61
N GLN A 39 6.48 -1.51 9.39
CA GLN A 39 7.15 -0.82 10.49
C GLN A 39 6.11 -0.15 11.34
N SER A 40 5.07 0.36 10.69
CA SER A 40 4.02 1.03 11.45
C SER A 40 3.20 0.05 12.30
N ILE A 41 3.08 -1.18 11.84
CA ILE A 41 2.40 -2.18 12.63
C ILE A 41 3.19 -2.53 13.90
N ARG A 42 4.50 -2.75 13.74
CA ARG A 42 5.37 -2.99 14.87
C ARG A 42 5.41 -1.81 15.82
N LEU A 43 5.37 -0.60 15.28
CA LEU A 43 5.35 0.59 16.14
C LEU A 43 4.07 0.66 16.88
N PHE A 44 2.98 0.37 16.18
CA PHE A 44 1.66 0.39 16.75
C PHE A 44 1.53 -0.66 17.85
N LEU A 45 2.16 -1.82 17.61
CA LEU A 45 2.09 -2.94 18.56
C LEU A 45 2.85 -2.65 19.83
N ALA A 46 4.10 -2.24 19.65
CA ALA A 46 4.96 -1.68 20.70
C ALA A 46 4.26 -0.60 21.52
N GLY A 47 3.65 0.38 20.86
CA GLY A 47 2.94 1.43 21.60
C GLY A 47 1.79 0.87 22.43
N CYS A 48 1.10 -0.14 21.92
CA CYS A 48 -0.02 -0.74 22.67
C CYS A 48 0.48 -1.56 23.89
N ALA A 49 1.66 -2.14 23.76
CA ALA A 49 2.33 -2.82 24.85
C ALA A 49 2.81 -1.85 25.93
N GLY A 50 3.08 -0.62 25.53
CA GLY A 50 3.62 0.34 26.47
C GLY A 50 5.13 0.31 26.43
N ILE A 51 5.74 -0.56 25.62
CA ILE A 51 7.18 -0.51 25.49
C ILE A 51 7.67 0.51 24.48
N LEU A 52 6.80 1.50 24.23
CA LEU A 52 7.06 2.81 23.58
C LEU A 52 5.91 3.67 24.08
N LYS A 53 6.23 4.87 24.58
CA LYS A 53 5.22 5.76 25.14
C LYS A 53 5.43 7.19 24.63
N PRO A 54 4.36 7.98 24.56
CA PRO A 54 4.48 9.39 24.24
C PRO A 54 5.38 10.11 25.23
N VAL A 55 5.98 11.23 24.82
CA VAL A 55 6.58 12.10 25.83
C VAL A 55 5.72 13.32 26.14
N LYS A 56 5.11 13.94 25.13
CA LYS A 56 4.01 14.89 25.35
C LYS A 56 2.85 14.05 25.86
N CYS A 57 1.98 14.67 26.62
CA CYS A 57 0.74 14.04 26.95
C CYS A 57 -0.23 14.27 25.78
N MSE A 58 -0.83 13.19 25.29
CA MSE A 58 -1.72 13.28 24.11
C MSE A 58 -2.69 12.11 23.91
O MSE A 58 -2.42 11.00 24.36
CB MSE A 58 -0.90 13.51 22.84
CG MSE A 58 0.07 12.40 22.45
SE MSE A 58 1.25 13.00 20.97
CE MSE A 58 0.11 14.32 20.03
N GLU A 59 -3.80 12.39 23.24
CA GLU A 59 -4.85 11.41 22.96
C GLU A 59 -4.52 10.67 21.67
N TYR A 60 -5.10 9.48 21.45
CA TYR A 60 -5.24 8.93 20.10
C TYR A 60 -6.66 8.42 19.91
N PRO A 61 -7.64 9.30 19.62
CA PRO A 61 -9.08 8.92 19.71
C PRO A 61 -9.54 7.68 18.95
N PRO A 62 -8.94 7.38 17.79
CA PRO A 62 -9.40 6.16 17.18
C PRO A 62 -9.05 4.88 17.91
N PHE A 63 -8.05 4.90 18.79
CA PHE A 63 -7.64 3.69 19.51
C PHE A 63 -6.88 4.03 20.78
N PRO A 64 -7.59 4.50 21.81
CA PRO A 64 -6.90 5.00 23.02
C PRO A 64 -6.02 3.95 23.70
N ARG A 65 -6.24 2.68 23.38
CA ARG A 65 -5.35 1.67 23.90
C ARG A 65 -3.91 1.84 23.39
N LEU A 66 -3.72 2.63 22.36
CA LEU A 66 -2.37 2.86 21.82
C LEU A 66 -1.53 3.74 22.75
N VAL A 67 -2.16 4.33 23.74
CA VAL A 67 -1.52 5.37 24.52
C VAL A 67 -2.06 5.29 25.95
N SER A 68 -2.47 4.07 26.33
CA SER A 68 -3.11 3.82 27.61
C SER A 68 -2.12 3.62 28.76
N HIS A 69 -0.85 3.41 28.47
CA HIS A 69 0.14 3.19 29.52
C HIS A 69 0.82 4.48 30.00
N GLY A 70 0.21 5.63 29.71
CA GLY A 70 0.78 6.96 30.01
C GLY A 70 2.02 7.39 29.23
N THR A 71 2.88 8.15 29.90
CA THR A 71 4.11 8.79 29.40
C THR A 71 5.26 8.01 30.10
N GLY A 72 6.51 8.00 29.66
CA GLY A 72 7.08 8.73 28.55
C GLY A 72 8.29 9.57 28.97
N SER A 73 9.42 8.94 29.30
CA SER A 73 10.60 9.74 29.58
C SER A 73 10.93 10.31 28.21
N ALA A 74 11.97 11.15 28.15
CA ALA A 74 12.32 11.91 26.93
C ALA A 74 13.45 11.16 26.15
N VAL A 75 13.51 9.83 26.13
CA VAL A 75 14.57 9.14 25.35
C VAL A 75 14.29 9.08 23.83
N ALA A 76 15.28 8.67 23.04
CA ALA A 76 15.15 8.65 21.59
C ALA A 76 14.02 7.74 21.17
N SER A 77 13.93 6.57 21.81
CA SER A 77 12.89 5.61 21.46
C SER A 77 11.50 6.25 21.57
N ASN A 78 11.24 6.98 22.64
CA ASN A 78 9.89 7.45 22.78
C ASN A 78 9.67 8.82 22.11
N LEU A 79 10.76 9.48 21.76
CA LEU A 79 10.71 10.71 20.95
C LEU A 79 10.35 10.39 19.49
N ALA A 80 10.88 9.29 18.97
CA ALA A 80 10.52 8.78 17.65
C ALA A 80 9.07 8.32 17.58
N PHE A 81 8.56 7.75 18.67
CA PHE A 81 7.18 7.29 18.71
C PHE A 81 6.18 8.49 18.58
N GLN A 82 6.43 9.59 19.27
CA GLN A 82 5.69 10.82 19.07
C GLN A 82 5.65 11.25 17.62
N HIS A 83 6.80 11.20 16.93
CA HIS A 83 6.81 11.64 15.55
C HIS A 83 5.94 10.70 14.75
N TRP A 84 5.93 9.42 15.15
CA TRP A 84 5.09 8.42 14.53
C TRP A 84 3.63 8.67 14.85
N LEU A 85 3.35 9.00 16.10
CA LEU A 85 2.01 9.35 16.45
C LEU A 85 1.50 10.50 15.63
N ASP A 86 2.38 11.48 15.36
CA ASP A 86 2.00 12.61 14.53
C ASP A 86 1.57 12.10 13.15
N LEU A 87 2.40 11.29 12.52
CA LEU A 87 2.04 10.80 11.20
C LEU A 87 0.72 10.07 11.18
N LEU A 88 0.54 9.21 12.20
CA LEU A 88 -0.63 8.37 12.27
C LEU A 88 -1.87 9.21 12.42
N LEU A 89 -1.71 10.27 13.20
CA LEU A 89 -2.80 11.15 13.53
C LEU A 89 -3.24 11.95 12.34
N LYS A 90 -2.35 12.15 11.37
CA LYS A 90 -2.64 12.96 10.17
C LYS A 90 -3.01 12.01 9.02
N ASP A 91 -3.10 10.72 9.35
CA ASP A 91 -3.28 9.67 8.37
C ASP A 91 -2.39 9.94 7.18
N ALA A 92 -1.09 10.11 7.42
CA ALA A 92 -0.14 10.49 6.37
C ALA A 92 -0.12 9.54 5.16
N VAL A 93 -0.25 10.11 3.96
CA VAL A 93 0.28 9.57 2.71
C VAL A 93 1.63 9.41 3.35
N LEU A 94 2.51 8.43 3.10
CA LEU A 94 2.72 7.39 2.07
C LEU A 94 3.39 7.50 0.71
N ASP A 95 4.01 8.64 0.56
CA ASP A 95 4.85 9.02 -0.54
C ASP A 95 6.25 8.85 0.09
N GLY A 96 7.29 9.36 -0.55
CA GLY A 96 8.14 10.26 0.26
C GLY A 96 9.41 9.84 0.91
N ASP A 97 10.02 10.69 1.73
CA ASP A 97 9.46 11.60 2.74
C ASP A 97 8.78 10.70 3.66
N THR A 98 7.45 10.69 3.64
CA THR A 98 6.81 9.98 4.66
C THR A 98 7.04 8.45 4.65
N ILE A 99 7.78 7.89 3.68
CA ILE A 99 8.37 6.54 3.82
C ILE A 99 9.74 6.60 4.54
N ARG A 100 10.61 7.46 4.03
CA ARG A 100 11.94 7.61 4.54
C ARG A 100 11.94 8.28 5.88
N GLN A 101 10.84 8.86 6.26
CA GLN A 101 10.68 9.32 7.62
C GLN A 101 10.07 8.31 8.60
N ILE A 102 9.45 7.26 8.09
CA ILE A 102 8.90 6.20 8.88
C ILE A 102 10.03 5.20 9.15
N ASP A 103 11.10 5.13 8.36
CA ASP A 103 12.15 4.36 9.00
C ASP A 103 13.24 5.09 9.66
N ARG A 104 13.38 6.37 9.39
CA ARG A 104 14.18 7.10 10.32
C ARG A 104 13.62 6.91 11.74
N ILE A 105 12.33 7.19 11.95
CA ILE A 105 11.76 7.03 13.29
C ILE A 105 11.71 5.55 13.76
N TYR A 106 11.70 4.63 12.81
CA TYR A 106 11.79 3.23 13.13
C TYR A 106 13.16 2.84 13.64
N LEU A 107 14.18 3.65 13.30
CA LEU A 107 15.58 3.36 13.63
C LEU A 107 15.99 3.55 15.10
N GLN A 108 15.31 4.45 15.81
CA GLN A 108 15.28 4.39 17.26
C GLN A 108 14.05 4.98 17.84
N SER A 109 12.89 4.48 17.46
CA SER A 109 12.17 3.51 18.26
C SER A 109 13.11 2.45 18.78
N GLY A 110 13.89 1.88 17.89
CA GLY A 110 14.78 0.81 18.21
C GLY A 110 14.09 -0.52 18.25
N ILE A 111 12.91 -0.62 17.67
CA ILE A 111 12.19 -1.87 17.75
C ILE A 111 12.58 -2.93 16.70
N ALA A 112 13.38 -2.53 15.71
CA ALA A 112 13.98 -3.53 14.80
C ALA A 112 14.81 -4.57 15.58
N SER A 113 15.21 -4.18 16.79
CA SER A 113 16.18 -4.90 17.57
C SER A 113 15.59 -5.58 18.83
N VAL A 114 14.25 -5.62 18.89
CA VAL A 114 13.55 -6.73 19.52
C VAL A 114 13.88 -7.55 18.28
N LYS A 115 14.15 -8.81 18.55
CA LYS A 115 13.58 -9.41 19.74
C LYS A 115 12.53 -10.03 20.68
N TRP A 116 11.54 -10.70 20.12
CA TRP A 116 10.44 -11.22 20.92
C TRP A 116 10.12 -11.87 22.21
N GLU A 117 11.07 -12.61 22.77
CA GLU A 117 11.10 -12.83 24.23
C GLU A 117 12.37 -12.35 24.94
N THR A 118 12.66 -11.05 24.82
CA THR A 118 13.05 -10.21 25.95
C THR A 118 11.88 -9.34 26.41
N ILE A 119 10.76 -9.46 25.73
CA ILE A 119 9.58 -8.65 26.04
C ILE A 119 8.80 -9.25 27.21
N PRO A 120 8.41 -8.39 28.15
CA PRO A 120 7.72 -8.84 29.36
C PRO A 120 6.65 -9.91 29.13
N GLU A 121 5.51 -9.87 29.83
CA GLU A 121 4.60 -11.02 29.78
C GLU A 121 3.24 -10.87 29.04
N GLY A 122 2.40 -9.90 29.40
CA GLY A 122 2.76 -8.59 29.83
C GLY A 122 2.51 -7.95 28.48
N ALA A 123 3.59 -7.46 27.88
CA ALA A 123 3.53 -6.93 26.53
C ALA A 123 3.18 -8.02 25.52
N ARG A 124 3.72 -9.21 25.71
CA ARG A 124 3.40 -10.32 24.83
C ARG A 124 1.90 -10.72 24.79
N GLN A 125 1.22 -10.66 25.93
CA GLN A 125 -0.24 -10.88 26.00
C GLN A 125 -0.90 -10.01 24.92
N ILE A 126 -0.66 -8.70 25.03
CA ILE A 126 -1.26 -7.63 24.27
C ILE A 126 -0.93 -7.67 22.75
N ILE A 127 0.35 -7.81 22.44
CA ILE A 127 0.78 -7.83 21.07
C ILE A 127 0.11 -9.01 20.36
N THR A 128 0.17 -10.18 20.98
CA THR A 128 -0.34 -11.42 20.38
C THR A 128 -1.82 -11.27 20.15
N GLN A 129 -2.51 -10.67 21.11
CA GLN A 129 -3.94 -10.60 20.96
C GLN A 129 -4.29 -9.73 19.76
N LEU A 130 -3.65 -8.54 19.67
CA LEU A 130 -3.88 -7.63 18.54
C LEU A 130 -3.55 -8.24 17.20
N MSE A 131 -2.37 -8.85 17.09
CA MSE A 131 -2.02 -9.61 15.89
C MSE A 131 -3.04 -10.71 15.55
O MSE A 131 -3.36 -10.92 14.36
CB MSE A 131 -0.68 -10.27 16.10
CG MSE A 131 0.39 -9.84 15.18
SE MSE A 131 2.12 -9.85 16.05
CE MSE A 131 2.16 -11.56 16.97
N ALA A 132 -3.52 -11.43 16.56
CA ALA A 132 -4.52 -12.47 16.35
C ALA A 132 -5.78 -11.87 15.75
N ARG A 133 -6.21 -10.78 16.38
CA ARG A 133 -7.42 -10.11 15.99
C ARG A 133 -7.35 -9.37 14.66
N GLN A 134 -6.16 -8.87 14.31
CA GLN A 134 -5.96 -8.09 13.08
C GLN A 134 -5.23 -8.89 12.01
N TYR A 135 -5.20 -10.19 12.21
CA TYR A 135 -4.39 -11.10 11.46
C TYR A 135 -4.76 -11.13 9.99
N PRO A 136 -6.05 -11.21 9.67
CA PRO A 136 -6.28 -11.30 8.24
C PRO A 136 -5.93 -9.98 7.47
N ASP A 137 -5.97 -8.83 8.14
CA ASP A 137 -5.62 -7.55 7.45
C ASP A 137 -4.14 -7.32 7.40
N TRP A 138 -3.43 -7.74 8.44
CA TRP A 138 -2.03 -7.46 8.46
C TRP A 138 -1.22 -8.51 7.81
N PHE A 139 -1.81 -9.68 7.58
CA PHE A 139 -1.04 -10.80 7.10
C PHE A 139 -1.58 -11.35 5.81
N GLY A 140 -2.49 -10.63 5.17
CA GLY A 140 -2.91 -10.96 3.81
C GLY A 140 -3.56 -12.33 3.70
N VAL A 141 -4.34 -12.68 4.71
CA VAL A 141 -5.00 -13.94 4.75
C VAL A 141 -6.55 -13.72 4.86
N ALA A 142 -7.36 -14.64 4.32
CA ALA A 142 -8.84 -14.55 4.32
C ALA A 142 -9.56 -14.42 5.69
N SER A 143 -8.97 -14.97 6.74
CA SER A 143 -9.70 -15.58 7.85
C SER A 143 -8.91 -15.49 9.13
N TRP A 144 -9.54 -15.36 10.28
CA TRP A 144 -8.76 -15.47 11.54
C TRP A 144 -8.17 -16.88 11.71
N SER A 145 -7.09 -16.99 12.45
CA SER A 145 -6.57 -18.27 12.79
C SER A 145 -6.85 -18.55 14.26
N SER A 146 -7.31 -19.76 14.54
CA SER A 146 -7.48 -20.29 15.90
C SER A 146 -6.19 -20.32 16.71
N HIS A 147 -5.04 -20.50 16.05
CA HIS A 147 -3.75 -20.36 16.73
C HIS A 147 -2.83 -19.47 15.96
N ILE A 148 -2.09 -18.60 16.65
CA ILE A 148 -0.97 -17.93 16.02
C ILE A 148 0.28 -18.03 16.88
N ASN A 149 1.45 -17.98 16.25
CA ASN A 149 2.69 -18.00 17.01
C ASN A 149 3.35 -16.60 17.06
N GLY A 150 3.10 -15.91 18.17
CA GLY A 150 3.60 -14.58 18.46
C GLY A 150 4.98 -14.34 17.91
N ALA A 151 5.94 -15.16 18.28
CA ALA A 151 7.30 -15.00 17.80
C ALA A 151 7.34 -15.00 16.27
N ASP A 152 6.71 -15.98 15.62
CA ASP A 152 6.80 -16.06 14.16
C ASP A 152 6.17 -14.83 13.54
N CYS A 153 5.05 -14.39 14.10
CA CYS A 153 4.26 -13.28 13.52
C CYS A 153 5.01 -11.98 13.66
N TRP A 154 5.52 -11.77 14.87
CA TRP A 154 6.36 -10.65 15.15
C TRP A 154 7.61 -10.71 14.30
N THR A 155 8.05 -11.92 13.92
CA THR A 155 9.19 -12.04 13.01
C THR A 155 8.83 -11.67 11.57
N LYS A 156 7.77 -12.27 11.05
CA LYS A 156 7.25 -12.07 9.71
C LYS A 156 7.15 -10.59 9.39
N LEU A 157 6.81 -9.80 10.40
CA LEU A 157 6.49 -8.36 10.27
C LEU A 157 7.75 -7.53 10.26
N GLY A 158 8.82 -8.13 10.76
CA GLY A 158 10.14 -7.53 10.64
C GLY A 158 10.85 -7.77 9.31
N VAL A 159 10.41 -8.73 8.49
CA VAL A 159 11.07 -9.03 7.20
C VAL A 159 10.43 -8.30 5.98
N MSE A 160 11.07 -7.21 5.59
CA MSE A 160 10.64 -6.38 4.46
C MSE A 160 10.57 -7.19 3.15
O MSE A 160 11.54 -7.85 2.80
CB MSE A 160 11.62 -5.21 4.31
CG MSE A 160 12.02 -4.52 5.64
SE MSE A 160 10.64 -3.44 6.57
CE MSE A 160 9.94 -4.68 7.89
N GLN A 161 9.44 -7.14 2.45
CA GLN A 161 9.38 -7.87 1.18
C GLN A 161 10.20 -7.11 0.08
N GLU A 162 10.74 -7.86 -0.88
CA GLU A 162 11.80 -7.32 -1.73
C GLU A 162 11.41 -7.11 -3.17
N HIS A 163 10.36 -7.81 -3.59
CA HIS A 163 9.70 -7.60 -4.87
C HIS A 163 8.24 -7.23 -4.62
N ALA A 164 7.66 -6.44 -5.51
CA ALA A 164 6.26 -6.07 -5.41
C ALA A 164 5.47 -6.96 -6.34
N CYS A 165 4.17 -7.06 -6.14
CA CYS A 165 3.37 -7.78 -7.08
C CYS A 165 3.42 -7.04 -8.44
N ASN A 166 2.96 -7.65 -9.52
CA ASN A 166 2.86 -6.99 -10.83
C ASN A 166 1.92 -5.80 -10.84
N CYS A 167 2.23 -4.78 -11.62
CA CYS A 167 1.45 -3.54 -11.65
C CYS A 167 0.88 -3.13 -10.32
N ASP A 168 1.68 -3.14 -9.26
CA ASP A 168 1.27 -2.63 -7.96
C ASP A 168 1.02 -1.13 -8.05
N MSE A 169 -0.23 -0.72 -7.92
CA MSE A 169 -0.56 0.67 -8.15
C MSE A 169 -0.33 1.59 -6.97
O MSE A 169 -0.32 2.81 -7.14
CB MSE A 169 -2.00 0.81 -8.62
CG MSE A 169 -2.16 0.56 -10.10
SE MSE A 169 -4.06 0.19 -10.41
CE MSE A 169 -3.80 -0.69 -12.20
N LEU A 170 -0.12 1.02 -5.79
CA LEU A 170 0.18 1.81 -4.60
C LEU A 170 1.57 2.43 -4.71
N MSE A 171 2.28 2.01 -5.75
CA MSE A 171 3.55 2.59 -6.14
C MSE A 171 3.37 3.91 -6.89
O MSE A 171 4.31 4.66 -7.06
CB MSE A 171 4.23 1.63 -7.06
CG MSE A 171 4.66 0.31 -6.43
SE MSE A 171 5.87 0.71 -4.97
CE MSE A 171 7.46 1.52 -5.82
N ILE A 172 2.13 4.19 -7.32
CA ILE A 172 1.86 5.21 -8.32
C ILE A 172 1.01 6.37 -7.82
N ILE A 173 -0.04 6.06 -7.09
CA ILE A 173 -0.70 7.05 -6.28
C ILE A 173 -0.58 6.49 -4.89
N PRO A 174 0.01 7.26 -3.99
CA PRO A 174 0.30 6.65 -2.71
C PRO A 174 -0.96 6.41 -1.84
N THR A 175 -0.89 5.37 -1.01
CA THR A 175 -1.93 5.03 -0.02
C THR A 175 -1.70 5.87 1.25
N ARG A 176 -2.43 5.61 2.32
CA ARG A 176 -2.17 6.32 3.57
C ARG A 176 -2.18 5.48 4.87
N LEU A 177 -1.42 5.98 5.85
CA LEU A 177 -0.94 5.22 6.96
C LEU A 177 -2.03 4.61 7.86
N ALA A 178 -2.91 5.46 8.42
CA ALA A 178 -3.86 4.94 9.39
C ALA A 178 -4.80 3.91 8.75
N ILE A 179 -5.24 4.19 7.53
CA ILE A 179 -6.08 3.29 6.79
C ILE A 179 -5.39 1.95 6.58
N GLU A 180 -4.14 1.97 6.14
CA GLU A 180 -3.40 0.72 5.91
C GLU A 180 -3.37 -0.12 7.13
N LEU A 181 -3.28 0.56 8.26
CA LEU A 181 -3.20 -0.09 9.57
C LEU A 181 -4.55 -0.64 9.95
N ASN A 182 -5.63 0.06 9.59
CA ASN A 182 -7.00 -0.40 9.77
C ASN A 182 -7.35 -1.56 8.83
N GLY A 183 -6.57 -1.74 7.76
CA GLY A 183 -6.96 -2.59 6.65
C GLY A 183 -8.44 -2.52 6.37
N ASN A 184 -9.13 -3.65 6.35
CA ASN A 184 -10.60 -3.59 6.19
C ASN A 184 -11.40 -3.72 7.50
N SER A 185 -10.76 -3.39 8.61
CA SER A 185 -11.38 -3.69 9.88
C SER A 185 -11.92 -2.39 10.48
N GLN A 186 -12.30 -2.49 11.75
CA GLN A 186 -12.91 -1.40 12.48
C GLN A 186 -12.11 -1.25 13.75
N LEU A 187 -10.83 -1.61 13.64
CA LEU A 187 -9.88 -1.47 14.71
C LEU A 187 -9.88 -0.02 15.12
N LEU A 188 -9.65 0.84 14.13
CA LEU A 188 -9.37 2.25 14.35
C LEU A 188 -10.65 3.02 14.12
N THR A 189 -11.26 3.43 15.23
CA THR A 189 -12.57 4.02 15.12
C THR A 189 -12.54 5.37 14.42
N GLY A 190 -13.42 5.49 13.41
CA GLY A 190 -13.55 6.70 12.60
C GLY A 190 -12.72 6.61 11.34
N VAL A 191 -11.67 5.79 11.35
CA VAL A 191 -10.76 5.71 10.24
C VAL A 191 -11.42 4.90 9.11
N SER A 192 -11.21 5.32 7.87
CA SER A 192 -11.74 4.61 6.75
C SER A 192 -11.02 3.25 6.51
N THR A 193 -11.61 2.38 5.70
CA THR A 193 -11.02 1.10 5.33
C THR A 193 -10.24 1.19 4.02
N THR A 194 -9.37 0.22 3.88
CA THR A 194 -8.54 0.11 2.73
C THR A 194 -9.41 -0.11 1.48
N HIS A 195 -10.50 -0.86 1.60
CA HIS A 195 -11.41 -1.10 0.46
C HIS A 195 -11.93 0.24 -0.09
N ASP A 196 -12.19 1.20 0.79
CA ASP A 196 -12.82 2.47 0.40
C ASP A 196 -11.88 3.51 -0.16
N LEU A 197 -10.69 3.57 0.43
CA LEU A 197 -9.65 4.39 -0.10
C LEU A 197 -9.32 3.97 -1.52
N TYR A 198 -9.08 2.69 -1.74
CA TYR A 198 -8.66 2.21 -3.05
C TYR A 198 -9.70 2.57 -4.09
N SER A 199 -10.96 2.27 -3.79
CA SER A 199 -12.06 2.71 -4.65
C SER A 199 -11.99 4.18 -5.01
N HIS A 200 -11.67 5.01 -4.03
CA HIS A 200 -11.63 6.42 -4.29
C HIS A 200 -10.41 6.80 -5.10
N LEU A 201 -9.24 6.25 -4.79
CA LEU A 201 -8.01 6.69 -5.46
C LEU A 201 -7.88 6.11 -6.86
N TYR A 202 -8.22 4.84 -7.02
CA TYR A 202 -7.85 4.10 -8.21
C TYR A 202 -9.07 3.80 -9.07
N GLY A 203 -10.25 4.17 -8.59
CA GLY A 203 -11.46 3.77 -9.26
C GLY A 203 -11.82 2.29 -9.23
N MSE A 204 -10.98 1.45 -8.60
CA MSE A 204 -11.36 0.06 -8.29
C MSE A 204 -10.84 -0.36 -6.91
O MSE A 204 -9.84 0.16 -6.47
CB MSE A 204 -11.02 -0.95 -9.41
CG MSE A 204 -9.67 -1.70 -9.34
SE MSE A 204 -8.34 -0.73 -10.40
CE MSE A 204 -7.19 -2.21 -10.95
N ALA A 205 -11.56 -1.26 -6.22
CA ALA A 205 -11.19 -1.60 -4.84
C ALA A 205 -9.96 -2.53 -4.70
N TRP A 206 -9.37 -2.96 -5.84
CA TRP A 206 -8.19 -3.85 -5.90
C TRP A 206 -7.19 -3.31 -6.91
N PRO A 207 -6.11 -2.68 -6.42
CA PRO A 207 -5.28 -1.80 -7.21
C PRO A 207 -4.03 -2.53 -7.78
N SER A 208 -4.34 -3.41 -8.72
CA SER A 208 -3.37 -4.21 -9.39
C SER A 208 -4.14 -4.82 -10.56
N GLY A 209 -3.59 -5.82 -11.21
CA GLY A 209 -4.30 -6.44 -12.31
C GLY A 209 -3.87 -7.87 -12.43
N GLN A 210 -4.72 -8.74 -12.97
CA GLN A 210 -4.26 -10.08 -13.23
C GLN A 210 -4.35 -10.49 -14.68
N ASN A 211 -3.79 -11.66 -14.96
CA ASN A 211 -3.63 -12.13 -16.30
C ASN A 211 -2.85 -11.11 -17.08
N ILE A 212 -1.78 -10.66 -16.47
CA ILE A 212 -0.86 -9.75 -17.07
C ILE A 212 -0.06 -10.40 -18.20
N ILE A 213 -0.16 -9.83 -19.38
CA ILE A 213 0.66 -10.29 -20.46
C ILE A 213 1.26 -9.07 -21.14
N TRP A 214 2.52 -9.18 -21.55
CA TRP A 214 3.23 -8.02 -22.06
C TRP A 214 4.28 -8.32 -23.11
N GLN A 215 4.80 -7.28 -23.75
CA GLN A 215 5.69 -7.39 -24.90
C GLN A 215 6.54 -6.18 -25.17
N ARG A 216 7.86 -6.29 -24.98
CA ARG A 216 8.79 -5.27 -25.49
C ARG A 216 8.88 -5.41 -26.97
N ASP A 217 8.16 -4.50 -27.59
CA ASP A 217 7.60 -4.60 -28.91
C ASP A 217 8.63 -4.09 -29.89
N ARG A 218 9.58 -3.31 -29.39
CA ARG A 218 10.33 -2.38 -30.21
C ARG A 218 10.85 -2.02 -28.86
N ILE A 219 12.09 -1.52 -28.76
CA ILE A 219 12.52 -0.68 -27.63
C ILE A 219 11.99 0.66 -27.13
N ASN A 220 11.35 1.39 -28.03
CA ASN A 220 10.41 2.47 -27.73
C ASN A 220 8.99 2.11 -27.28
N SER A 221 8.68 0.83 -27.10
CA SER A 221 7.30 0.37 -27.20
C SER A 221 7.04 -0.80 -26.27
N LEU A 222 5.99 -0.68 -25.47
CA LEU A 222 5.53 -1.76 -24.55
C LEU A 222 4.03 -2.03 -24.74
N ARG A 223 3.67 -3.29 -24.95
CA ARG A 223 2.26 -3.65 -24.96
C ARG A 223 1.95 -4.44 -23.70
N LEU A 224 0.92 -3.98 -23.02
CA LEU A 224 0.49 -4.56 -21.79
C LEU A 224 -0.99 -4.86 -21.92
N ASP A 225 -1.38 -6.08 -21.55
CA ASP A 225 -2.79 -6.40 -21.39
C ASP A 225 -2.94 -6.87 -19.94
N PHE A 226 -4.09 -6.63 -19.33
CA PHE A 226 -4.35 -7.10 -17.99
C PHE A 226 -5.82 -6.95 -17.65
N ASP A 227 -6.28 -7.79 -16.73
CA ASP A 227 -7.69 -7.83 -16.27
C ASP A 227 -7.84 -7.05 -14.97
N SER A 228 -8.87 -6.19 -14.87
CA SER A 228 -9.18 -5.53 -13.57
C SER A 228 -10.58 -5.90 -13.11
N PRO A 229 -10.85 -5.83 -11.78
CA PRO A 229 -12.21 -6.19 -11.34
C PRO A 229 -13.26 -5.16 -11.74
N SER A 230 -14.26 -5.66 -12.47
CA SER A 230 -15.46 -4.93 -12.83
C SER A 230 -15.20 -3.77 -13.78
N TYR A 231 -14.27 -2.89 -13.37
CA TYR A 231 -14.03 -1.57 -13.97
C TYR A 231 -12.56 -1.36 -14.31
N PRO A 232 -12.29 -0.49 -15.29
CA PRO A 232 -10.91 -0.12 -15.57
C PRO A 232 -10.39 0.82 -14.48
N PRO A 233 -9.05 0.98 -14.41
CA PRO A 233 -8.52 1.96 -13.48
C PRO A 233 -9.00 3.33 -13.93
N SER A 234 -9.26 4.21 -12.97
CA SER A 234 -9.56 5.62 -13.19
C SER A 234 -8.74 6.29 -14.24
N ALA A 235 -9.34 7.25 -14.94
CA ALA A 235 -8.56 8.32 -15.62
C ALA A 235 -7.50 8.93 -14.68
N GLU A 236 -7.90 9.37 -13.49
CA GLU A 236 -6.94 9.89 -12.50
C GLU A 236 -5.68 9.00 -12.42
N LEU A 237 -5.86 7.69 -12.22
CA LEU A 237 -4.71 6.79 -12.08
C LEU A 237 -3.87 6.63 -13.36
N MSE A 238 -4.57 6.36 -14.45
CA MSE A 238 -3.99 6.25 -15.75
C MSE A 238 -3.21 7.51 -16.11
O MSE A 238 -2.10 7.43 -16.61
CB MSE A 238 -5.10 6.04 -16.76
CG MSE A 238 -4.85 4.88 -17.64
SE MSE A 238 -4.76 3.25 -16.58
CE MSE A 238 -4.12 2.16 -17.98
N GLY A 239 -3.79 8.69 -15.84
CA GLY A 239 -3.08 9.96 -15.97
C GLY A 239 -1.78 9.91 -15.22
N GLU A 240 -1.85 9.55 -13.96
CA GLU A 240 -0.67 9.46 -13.09
C GLU A 240 0.39 8.44 -13.55
N LEU A 241 -0.03 7.24 -13.93
CA LEU A 241 0.83 6.27 -14.59
C LEU A 241 1.78 6.90 -15.61
N SER A 242 1.20 7.60 -16.59
CA SER A 242 1.94 8.21 -17.69
C SER A 242 2.79 9.43 -17.27
N ALA A 243 2.44 10.09 -16.17
CA ALA A 243 3.30 11.13 -15.62
C ALA A 243 4.48 10.44 -14.93
N VAL A 244 4.19 9.48 -14.06
CA VAL A 244 5.24 8.81 -13.31
C VAL A 244 6.24 8.21 -14.25
N PHE A 245 5.75 7.57 -15.30
CA PHE A 245 6.63 6.89 -16.25
C PHE A 245 6.97 7.70 -17.50
N ASP A 246 6.75 9.02 -17.44
CA ASP A 246 6.96 9.92 -18.60
C ASP A 246 6.77 9.23 -19.95
N CYS A 247 5.56 8.73 -20.20
CA CYS A 247 5.27 7.99 -21.41
CA CYS A 247 5.30 8.05 -21.45
C CYS A 247 3.96 8.45 -22.00
N GLU A 248 3.65 7.92 -23.18
CA GLU A 248 2.37 8.07 -23.77
C GLU A 248 1.72 6.70 -23.59
N ILE A 249 0.54 6.68 -22.97
CA ILE A 249 -0.22 5.45 -22.76
C ILE A 249 -1.53 5.47 -23.54
N ARG A 250 -1.68 4.52 -24.45
CA ARG A 250 -2.94 4.35 -25.16
C ARG A 250 -3.71 3.20 -24.51
N HIS A 251 -4.92 3.52 -24.03
CA HIS A 251 -5.69 2.63 -23.14
C HIS A 251 -7.00 2.23 -23.77
N TRP A 252 -7.11 0.95 -24.15
CA TRP A 252 -8.39 0.37 -24.58
C TRP A 252 -8.94 -0.52 -23.48
N TYR A 253 -10.22 -0.35 -23.16
CA TYR A 253 -10.85 -1.13 -22.08
C TYR A 253 -12.24 -1.64 -22.46
N GLN A 254 -12.60 -2.79 -21.90
CA GLN A 254 -13.78 -3.54 -22.34
C GLN A 254 -14.25 -4.49 -21.27
N GLU A 255 -15.51 -4.35 -20.89
CA GLU A 255 -16.19 -5.36 -20.08
C GLU A 255 -17.55 -5.50 -20.71
N PRO A 256 -17.73 -6.54 -21.54
CA PRO A 256 -19.00 -6.76 -22.26
C PRO A 256 -20.24 -6.79 -21.42
N VAL A 257 -20.25 -7.51 -20.30
CA VAL A 257 -21.51 -7.72 -19.55
C VAL A 257 -22.17 -6.41 -18.99
N ASN A 258 -21.36 -5.49 -18.48
CA ASN A 258 -21.88 -4.18 -18.11
C ASN A 258 -21.74 -3.11 -19.22
N GLY A 259 -21.25 -3.52 -20.38
CA GLY A 259 -21.14 -2.63 -21.51
C GLY A 259 -20.19 -1.48 -21.25
N ILE A 260 -19.09 -1.73 -20.59
CA ILE A 260 -18.11 -0.67 -20.48
C ILE A 260 -17.04 -0.94 -21.50
N ARG A 261 -16.90 -0.04 -22.44
CA ARG A 261 -15.83 -0.09 -23.36
C ARG A 261 -15.40 1.31 -23.63
N GLY A 262 -14.15 1.46 -24.05
CA GLY A 262 -13.61 2.78 -24.23
C GLY A 262 -12.18 2.78 -24.71
N TYR A 263 -11.73 3.99 -24.98
CA TYR A 263 -10.38 4.28 -25.37
C TYR A 263 -10.03 5.60 -24.73
N ASP A 264 -8.87 5.70 -24.11
CA ASP A 264 -8.35 6.98 -23.62
C ASP A 264 -6.89 7.04 -23.95
N CYS A 265 -6.40 8.20 -24.37
CA CYS A 265 -4.97 8.39 -24.51
C CYS A 265 -4.51 9.33 -23.42
N TYR A 266 -3.38 9.01 -22.82
CA TYR A 266 -2.75 9.84 -21.77
C TYR A 266 -1.33 10.07 -22.22
N ASP A 267 -0.86 11.30 -22.08
CA ASP A 267 0.51 11.63 -22.52
C ASP A 267 1.18 12.44 -21.42
N ARG A 268 2.29 11.91 -20.92
CA ARG A 268 3.11 12.61 -19.92
C ARG A 268 2.21 13.33 -18.87
N GLY A 269 1.19 12.64 -18.40
CA GLY A 269 0.38 13.13 -17.30
C GLY A 269 -0.90 13.80 -17.76
N ASP A 270 -1.05 14.00 -19.06
CA ASP A 270 -2.19 14.75 -19.58
C ASP A 270 -3.17 13.87 -20.34
N HIS A 271 -4.45 14.09 -20.11
CA HIS A 271 -5.50 13.32 -20.74
C HIS A 271 -5.75 13.88 -22.16
N VAL A 272 -5.04 13.37 -23.16
CA VAL A 272 -5.02 13.98 -24.50
C VAL A 272 -6.20 13.67 -25.44
N ASP A 273 -6.80 12.49 -25.32
CA ASP A 273 -8.19 12.36 -25.75
C ASP A 273 -8.80 11.04 -25.28
N SER A 274 -10.11 10.88 -25.50
CA SER A 274 -10.79 9.61 -25.32
C SER A 274 -11.68 9.37 -26.50
N GLY A 275 -12.20 8.17 -26.59
CA GLY A 275 -13.05 7.81 -27.67
C GLY A 275 -13.69 6.47 -27.41
N GLU A 276 -14.33 6.10 -28.49
CA GLU A 276 -15.06 4.88 -28.60
C GLU A 276 -14.03 3.85 -28.86
N TYR A 277 -14.36 2.62 -28.48
CA TYR A 277 -13.44 1.53 -28.49
C TYR A 277 -13.40 0.88 -29.88
N GLY A 278 -12.32 0.98 -30.65
CA GLY A 278 -12.41 0.45 -32.02
C GLY A 278 -12.54 -0.87 -32.79
N ALA A 279 -11.58 -1.81 -32.73
CA ALA A 279 -10.48 -1.97 -31.74
C ALA A 279 -9.07 -1.37 -32.06
N GLY A 280 -8.08 -1.68 -31.21
CA GLY A 280 -6.68 -1.27 -31.42
C GLY A 280 -5.77 -2.47 -31.21
N PRO A 281 -5.13 -2.97 -32.31
CA PRO A 281 -4.96 -4.41 -32.76
C PRO A 281 -3.79 -5.34 -32.30
N PHE A 282 -4.13 -6.37 -31.51
CA PHE A 282 -3.23 -7.49 -31.14
C PHE A 282 -2.99 -8.36 -32.35
#